data_2HSZ
#
_entry.id   2HSZ
#
_cell.length_a   81.617
_cell.length_b   118.436
_cell.length_c   66.503
_cell.angle_alpha   90.000
_cell.angle_beta   90.000
_cell.angle_gamma   90.000
#
_symmetry.space_group_name_H-M   'P 21 21 2'
#
loop_
_entity.id
_entity.type
_entity.pdbx_description
1 polymer 'novel predicted phosphatase'
2 non-polymer 'ACETATE ION'
3 non-polymer 'CHLORIDE ION'
4 non-polymer 'UNKNOWN LIGAND'
5 water water
#
_entity_poly.entity_id   1
_entity_poly.type   'polypeptide(L)'
_entity_poly.pdbx_seq_one_letter_code
;(MSE)GSDKIHHHHHHENLYFQG(MSE)TQFKLIGFDLDGTLVNSLPDLALSINSALKDVNLPQASENLV(MSE)TWIGN
GADVLSQRAVDWACKQAEKELTEDEFKYFKRQFGFYYGENLCNISRLYPNVKETLEALKAQGYILAVVTNKPTKHVQPIL
TAFGIDHLFSE(MSE)LGGQSLPEIKPHPAPFYYLCGKFGLYPKQILFVGDSQNDIFAAHSAGCAVVGLTYGYNYNIPIA
QSKPDWIFDDFADILKITQ
;
_entity_poly.pdbx_strand_id   A,B
#
# COMPACT_ATOMS: atom_id res chain seq x y z
N GLY A 19 4.86 -13.49 -2.00
CA GLY A 19 5.10 -14.61 -1.01
C GLY A 19 4.89 -14.17 0.43
N THR A 21 5.39 -11.09 1.01
CA THR A 21 4.92 -9.70 0.80
C THR A 21 3.50 -9.63 0.23
N GLN A 22 3.00 -8.40 0.22
N GLN A 22 2.94 -8.44 0.21
CA GLN A 22 1.69 -8.01 -0.27
CA GLN A 22 1.64 -8.22 -0.34
C GLN A 22 1.68 -7.78 -1.80
C GLN A 22 1.68 -8.03 -1.86
N PHE A 23 2.87 -7.84 -2.41
CA PHE A 23 3.03 -7.39 -3.81
C PHE A 23 2.81 -8.54 -4.77
N LYS A 24 2.12 -8.22 -5.85
CA LYS A 24 1.86 -9.17 -6.92
C LYS A 24 2.63 -8.78 -8.19
N LEU A 25 2.88 -7.48 -8.34
CA LEU A 25 3.49 -6.93 -9.54
C LEU A 25 4.54 -5.93 -9.11
N ILE A 26 5.67 -5.95 -9.81
CA ILE A 26 6.76 -5.00 -9.58
C ILE A 26 7.00 -4.27 -10.87
N GLY A 27 6.92 -2.96 -10.81
CA GLY A 27 7.10 -2.09 -11.94
C GLY A 27 8.40 -1.34 -11.86
N PHE A 28 8.92 -0.96 -13.02
CA PHE A 28 10.23 -0.32 -13.14
C PHE A 28 10.18 0.81 -14.17
N ASP A 29 10.86 1.90 -13.86
CA ASP A 29 11.26 2.86 -14.91
C ASP A 29 12.40 2.22 -15.72
N LEU A 30 12.76 2.82 -16.83
CA LEU A 30 13.75 2.27 -17.76
C LEU A 30 15.06 3.05 -17.66
N ASP A 31 15.10 4.23 -18.28
CA ASP A 31 16.28 5.11 -18.19
C ASP A 31 16.59 5.54 -16.75
N GLY A 32 17.76 5.20 -16.28
CA GLY A 32 18.20 5.65 -14.95
C GLY A 32 17.82 4.64 -13.89
N THR A 33 17.11 3.59 -14.28
CA THR A 33 16.72 2.55 -13.32
C THR A 33 17.27 1.16 -13.77
N LEU A 34 16.88 0.75 -14.97
CA LEU A 34 17.35 -0.51 -15.56
C LEU A 34 18.61 -0.30 -16.44
N VAL A 35 18.55 0.74 -17.27
CA VAL A 35 19.60 1.06 -18.22
C VAL A 35 20.19 2.46 -17.96
N ASN A 36 21.52 2.53 -17.95
CA ASN A 36 22.23 3.80 -17.94
C ASN A 36 22.38 4.29 -19.38
N SER A 37 21.33 4.98 -19.85
CA SER A 37 21.19 5.43 -21.23
C SER A 37 21.66 6.86 -21.51
N LEU A 38 21.96 7.58 -20.45
CA LEU A 38 22.41 8.96 -20.53
C LEU A 38 23.56 9.12 -21.56
N PRO A 39 24.58 8.21 -21.56
CA PRO A 39 25.66 8.41 -22.55
C PRO A 39 25.19 8.44 -24.01
N ASP A 40 24.29 7.54 -24.37
CA ASP A 40 23.77 7.50 -25.73
C ASP A 40 22.76 8.66 -26.00
N LEU A 41 21.96 9.00 -25.00
CA LEU A 41 21.07 10.16 -25.14
C LEU A 41 21.85 11.45 -25.39
N ALA A 42 22.93 11.67 -24.64
CA ALA A 42 23.76 12.84 -24.75
C ALA A 42 24.47 12.88 -26.09
N LEU A 43 25.03 11.76 -26.52
CA LEU A 43 25.72 11.67 -27.80
C LEU A 43 24.73 11.98 -28.91
N SER A 44 23.52 11.47 -28.80
CA SER A 44 22.54 11.61 -29.88
C SER A 44 22.04 13.07 -29.96
N ILE A 45 21.68 13.63 -28.80
CA ILE A 45 21.15 14.99 -28.76
C ILE A 45 22.24 16.01 -29.21
N ASN A 46 23.49 15.77 -28.85
CA ASN A 46 24.58 16.66 -29.24
C ASN A 46 24.92 16.60 -30.71
N SER A 47 24.80 15.42 -31.34
CA SER A 47 24.94 15.32 -32.80
C SER A 47 23.85 16.10 -33.54
N ALA A 48 22.64 16.05 -33.02
CA ALA A 48 21.51 16.79 -33.61
C ALA A 48 21.67 18.31 -33.40
N LEU A 49 22.05 18.72 -32.20
CA LEU A 49 22.41 20.15 -31.97
C LEU A 49 23.47 20.67 -32.95
N LYS A 50 24.53 19.89 -33.16
CA LYS A 50 25.54 20.19 -34.15
C LYS A 50 24.94 20.33 -35.57
N ASP A 51 23.98 19.47 -35.95
CA ASP A 51 23.34 19.56 -37.28
C ASP A 51 22.51 20.82 -37.48
N VAL A 52 22.07 21.49 -36.42
CA VAL A 52 21.36 22.76 -36.56
C VAL A 52 22.24 23.94 -36.08
N ASN A 53 23.54 23.70 -36.06
CA ASN A 53 24.55 24.72 -35.70
CA ASN A 53 24.53 24.72 -35.70
C ASN A 53 24.28 25.35 -34.34
N LEU A 54 23.96 24.50 -33.35
CA LEU A 54 23.80 24.91 -31.96
C LEU A 54 24.90 24.30 -31.11
N PRO A 55 25.24 24.99 -29.99
CA PRO A 55 26.25 24.47 -29.06
C PRO A 55 25.84 23.17 -28.38
N GLN A 56 26.84 22.37 -28.00
CA GLN A 56 26.63 21.06 -27.40
C GLN A 56 26.68 21.13 -25.87
N ALA A 57 25.96 20.22 -25.21
CA ALA A 57 25.75 20.28 -23.76
C ALA A 57 26.58 19.24 -23.06
N SER A 58 26.99 19.55 -21.84
CA SER A 58 27.57 18.52 -20.95
C SER A 58 26.55 17.42 -20.68
N GLU A 59 27.06 16.26 -20.30
CA GLU A 59 26.23 15.12 -19.98
C GLU A 59 25.39 15.39 -18.73
N ASN A 60 25.90 16.12 -17.74
CA ASN A 60 25.08 16.45 -16.56
C ASN A 60 23.91 17.33 -16.96
N LEU A 61 24.14 18.30 -17.83
CA LEU A 61 23.04 19.16 -18.29
C LEU A 61 21.97 18.37 -19.06
N VAL A 62 22.41 17.52 -19.99
CA VAL A 62 21.47 16.70 -20.72
C VAL A 62 20.61 15.90 -19.74
N THR A 64 19.62 16.55 -16.81
CA THR A 64 18.61 17.36 -16.14
C THR A 64 17.37 17.58 -17.01
N TRP A 65 17.46 17.29 -18.32
CA TRP A 65 16.32 17.45 -19.24
C TRP A 65 15.49 16.18 -19.40
N ILE A 66 16.05 15.08 -18.93
CA ILE A 66 15.46 13.76 -19.02
C ILE A 66 14.38 13.54 -17.94
N GLY A 67 13.28 12.92 -18.33
CA GLY A 67 12.34 12.45 -17.32
C GLY A 67 10.90 12.59 -17.69
N ASN A 68 10.63 13.48 -18.65
CA ASN A 68 9.29 13.90 -18.99
C ASN A 68 8.95 13.70 -20.46
N GLY A 69 9.67 12.78 -21.11
CA GLY A 69 9.43 12.43 -22.48
C GLY A 69 10.30 13.14 -23.49
N ALA A 70 10.34 12.58 -24.69
CA ALA A 70 11.31 13.01 -25.70
C ALA A 70 10.97 14.41 -26.27
N ASP A 71 9.70 14.77 -26.35
CA ASP A 71 9.36 16.15 -26.78
C ASP A 71 9.84 17.21 -25.82
N VAL A 72 9.62 16.98 -24.53
CA VAL A 72 10.05 17.93 -23.53
C VAL A 72 11.57 17.98 -23.51
N LEU A 73 12.22 16.83 -23.58
CA LEU A 73 13.70 16.76 -23.66
C LEU A 73 14.28 17.60 -24.83
N SER A 74 13.68 17.45 -26.00
CA SER A 74 14.02 18.20 -27.22
C SER A 74 13.79 19.71 -27.03
N GLN A 75 12.68 20.08 -26.42
CA GLN A 75 12.39 21.49 -26.19
C GLN A 75 13.38 22.11 -25.18
N ARG A 76 13.67 21.40 -24.10
CA ARG A 76 14.68 21.88 -23.14
C ARG A 76 16.04 22.04 -23.82
N ALA A 77 16.44 21.07 -24.64
CA ALA A 77 17.78 21.13 -25.30
C ALA A 77 17.91 22.38 -26.14
N VAL A 78 16.93 22.57 -27.03
CA VAL A 78 16.99 23.64 -28.02
C VAL A 78 16.87 24.98 -27.30
N ASP A 79 16.04 25.05 -26.27
CA ASP A 79 15.88 26.32 -25.53
C ASP A 79 17.16 26.76 -24.84
N TRP A 80 17.87 25.80 -24.25
CA TRP A 80 19.15 26.03 -23.60
C TRP A 80 20.19 26.48 -24.61
N ALA A 81 20.31 25.74 -25.70
CA ALA A 81 21.35 25.98 -26.70
C ALA A 81 21.14 27.30 -27.42
N CYS A 82 19.89 27.61 -27.73
CA CYS A 82 19.55 28.90 -28.35
C CYS A 82 19.89 30.09 -27.46
N LYS A 83 19.55 29.98 -26.17
CA LYS A 83 19.92 30.99 -25.17
C LYS A 83 21.43 31.14 -25.05
N GLN A 84 22.13 30.01 -24.96
CA GLN A 84 23.59 30.01 -24.97
C GLN A 84 24.16 30.78 -26.19
N ALA A 85 23.60 30.53 -27.37
CA ALA A 85 24.14 31.02 -28.63
C ALA A 85 23.49 32.33 -29.11
N GLU A 86 22.46 32.78 -28.41
CA GLU A 86 21.69 33.94 -28.84
C GLU A 86 21.21 33.77 -30.26
N LYS A 87 20.67 32.58 -30.55
CA LYS A 87 20.08 32.26 -31.83
C LYS A 87 18.65 31.81 -31.56
N GLU A 88 17.83 31.73 -32.60
CA GLU A 88 16.55 31.04 -32.51
C GLU A 88 16.51 30.02 -33.66
N LEU A 89 15.68 29.01 -33.52
CA LEU A 89 15.39 28.08 -34.62
C LEU A 89 14.02 28.43 -35.13
N THR A 90 13.77 28.20 -36.41
CA THR A 90 12.40 28.25 -36.95
C THR A 90 11.71 26.93 -36.58
N GLU A 91 10.40 26.85 -36.77
CA GLU A 91 9.70 25.58 -36.49
C GLU A 91 10.23 24.44 -37.39
N ASP A 92 10.46 24.71 -38.66
CA ASP A 92 10.99 23.65 -39.53
C ASP A 92 12.38 23.16 -39.09
N GLU A 93 13.23 24.08 -38.63
CA GLU A 93 14.52 23.69 -38.05
C GLU A 93 14.38 22.86 -36.79
N PHE A 94 13.42 23.22 -35.93
CA PHE A 94 13.17 22.46 -34.74
C PHE A 94 12.66 21.06 -35.06
N LYS A 95 11.70 20.95 -35.98
CA LYS A 95 11.27 19.62 -36.50
C LYS A 95 12.44 18.80 -37.02
N TYR A 96 13.32 19.44 -37.80
CA TYR A 96 14.54 18.80 -38.33
C TYR A 96 15.45 18.29 -37.20
N PHE A 97 15.72 19.16 -36.23
CA PHE A 97 16.48 18.74 -35.07
C PHE A 97 15.90 17.48 -34.45
N LYS A 98 14.58 17.44 -34.25
CA LYS A 98 13.94 16.30 -33.62
C LYS A 98 14.05 15.03 -34.44
N ARG A 99 13.93 15.13 -35.77
CA ARG A 99 14.11 13.97 -36.67
C ARG A 99 15.54 13.43 -36.59
N GLN A 100 16.52 14.32 -36.56
CA GLN A 100 17.91 13.88 -36.48
C GLN A 100 18.22 13.25 -35.12
N PHE A 101 17.70 13.85 -34.07
CA PHE A 101 17.89 13.33 -32.71
C PHE A 101 17.27 11.91 -32.60
N GLY A 102 16.06 11.77 -33.11
CA GLY A 102 15.38 10.46 -33.20
C GLY A 102 16.22 9.43 -33.97
N PHE A 103 16.70 9.83 -35.15
CA PHE A 103 17.59 8.96 -35.91
C PHE A 103 18.83 8.50 -35.13
N TYR A 104 19.59 9.45 -34.58
CA TYR A 104 20.87 9.11 -33.95
C TYR A 104 20.61 8.17 -32.79
N TYR A 105 19.57 8.46 -32.03
CA TYR A 105 19.30 7.69 -30.80
C TYR A 105 18.92 6.25 -31.13
N GLY A 106 17.96 6.12 -32.05
CA GLY A 106 17.66 4.82 -32.67
C GLY A 106 18.90 4.05 -33.09
N GLU A 107 19.91 4.73 -33.59
CA GLU A 107 21.15 4.08 -33.94
C GLU A 107 22.03 3.71 -32.73
N ASN A 108 21.92 4.50 -31.67
CA ASN A 108 22.80 4.38 -30.52
C ASN A 108 22.09 3.79 -29.30
N LEU A 109 20.95 3.11 -29.47
CA LEU A 109 20.18 2.55 -28.33
C LEU A 109 21.00 1.72 -27.36
N CYS A 110 21.98 0.99 -27.89
CA CYS A 110 22.77 0.10 -27.08
CA CYS A 110 22.78 0.13 -27.06
C CYS A 110 24.22 0.19 -27.52
N ASN A 111 24.73 1.41 -27.55
CA ASN A 111 26.09 1.65 -27.96
C ASN A 111 26.94 1.80 -26.72
N ILE A 112 26.84 2.95 -26.06
CA ILE A 112 27.56 3.20 -24.81
C ILE A 112 26.71 2.82 -23.60
N SER A 113 25.40 2.71 -23.81
CA SER A 113 24.46 2.33 -22.77
C SER A 113 24.71 0.93 -22.20
N ARG A 114 24.55 0.80 -20.88
CA ARG A 114 24.68 -0.47 -20.21
C ARG A 114 23.64 -0.61 -19.11
N LEU A 115 23.33 -1.84 -18.74
CA LEU A 115 22.45 -2.10 -17.59
C LEU A 115 23.13 -1.66 -16.33
N TYR A 116 22.36 -1.24 -15.32
CA TYR A 116 22.97 -0.90 -14.03
C TYR A 116 23.39 -2.22 -13.34
N PRO A 117 24.25 -2.16 -12.34
CA PRO A 117 24.75 -3.38 -11.70
C PRO A 117 23.66 -4.32 -11.19
N ASN A 118 23.81 -5.60 -11.50
CA ASN A 118 22.91 -6.68 -11.05
C ASN A 118 21.48 -6.62 -11.56
N VAL A 119 21.19 -5.81 -12.58
CA VAL A 119 19.82 -5.65 -13.03
C VAL A 119 19.27 -6.96 -13.58
N LYS A 120 20.00 -7.66 -14.43
CA LYS A 120 19.43 -8.85 -15.05
C LYS A 120 19.26 -9.99 -14.04
N GLU A 121 20.29 -10.24 -13.24
CA GLU A 121 20.21 -11.25 -12.21
C GLU A 121 19.04 -11.04 -11.23
N THR A 122 18.79 -9.78 -10.90
CA THR A 122 17.72 -9.42 -9.94
C THR A 122 16.35 -9.61 -10.59
N LEU A 123 16.15 -9.16 -11.82
CA LEU A 123 14.89 -9.35 -12.52
C LEU A 123 14.59 -10.84 -12.70
N GLU A 124 15.62 -11.63 -12.96
CA GLU A 124 15.43 -13.09 -13.11
C GLU A 124 14.99 -13.72 -11.80
N ALA A 125 15.59 -13.28 -10.70
CA ALA A 125 15.24 -13.75 -9.36
C ALA A 125 13.77 -13.42 -9.01
N LEU A 126 13.37 -12.21 -9.31
CA LEU A 126 12.01 -11.76 -9.01
C LEU A 126 10.99 -12.55 -9.86
N LYS A 127 11.32 -12.80 -11.11
CA LYS A 127 10.46 -13.58 -12.02
C LYS A 127 10.34 -15.01 -11.47
N ALA A 128 11.46 -15.58 -11.06
CA ALA A 128 11.48 -16.91 -10.45
C ALA A 128 10.60 -17.02 -9.21
N GLN A 129 10.46 -15.94 -8.46
CA GLN A 129 9.61 -15.91 -7.27
C GLN A 129 8.12 -15.79 -7.60
N GLY A 130 7.75 -15.53 -8.85
CA GLY A 130 6.34 -15.40 -9.26
C GLY A 130 5.79 -14.00 -9.40
N TYR A 131 6.64 -12.98 -9.29
CA TYR A 131 6.15 -11.62 -9.50
C TYR A 131 5.90 -11.36 -10.96
N ILE A 132 4.82 -10.66 -11.25
CA ILE A 132 4.57 -10.10 -12.55
C ILE A 132 5.51 -8.87 -12.64
N LEU A 133 6.21 -8.68 -13.76
CA LEU A 133 7.13 -7.55 -13.91
C LEU A 133 6.67 -6.68 -15.06
N ALA A 134 6.77 -5.38 -14.87
CA ALA A 134 6.31 -4.37 -15.83
C ALA A 134 7.28 -3.20 -15.92
N VAL A 135 7.40 -2.63 -17.13
CA VAL A 135 8.10 -1.38 -17.31
C VAL A 135 7.10 -0.25 -17.56
N VAL A 136 7.29 0.88 -16.87
CA VAL A 136 6.47 2.06 -17.05
C VAL A 136 7.46 3.22 -17.15
N THR A 137 7.60 3.74 -18.36
CA THR A 137 8.57 4.79 -18.62
C THR A 137 7.96 5.91 -19.49
N ASN A 138 8.56 7.08 -19.42
CA ASN A 138 8.21 8.18 -20.28
C ASN A 138 9.04 8.20 -21.57
N LYS A 139 10.02 7.31 -21.64
CA LYS A 139 10.77 7.07 -22.86
C LYS A 139 9.80 6.72 -24.00
N PRO A 140 10.06 7.21 -25.24
CA PRO A 140 9.11 6.82 -26.31
C PRO A 140 8.84 5.34 -26.42
N THR A 141 7.56 5.01 -26.60
CA THR A 141 7.11 3.62 -26.62
C THR A 141 7.88 2.83 -27.66
N LYS A 142 8.14 3.45 -28.80
CA LYS A 142 8.86 2.74 -29.86
C LYS A 142 10.22 2.21 -29.48
N HIS A 143 10.90 2.87 -28.53
CA HIS A 143 12.23 2.43 -28.08
C HIS A 143 12.19 1.39 -26.96
N VAL A 144 11.04 1.15 -26.32
CA VAL A 144 11.02 0.31 -25.14
C VAL A 144 11.33 -1.18 -25.42
N GLN A 145 10.54 -1.83 -26.28
CA GLN A 145 10.84 -3.22 -26.50
C GLN A 145 12.22 -3.46 -27.18
N PRO A 146 12.61 -2.62 -28.15
CA PRO A 146 13.98 -2.70 -28.70
C PRO A 146 15.12 -2.60 -27.68
N ILE A 147 15.09 -1.61 -26.78
CA ILE A 147 16.20 -1.46 -25.81
C ILE A 147 16.22 -2.66 -24.85
N LEU A 148 15.05 -3.12 -24.39
CA LEU A 148 14.97 -4.30 -23.52
C LEU A 148 15.45 -5.61 -24.21
N THR A 149 15.10 -5.72 -25.50
CA THR A 149 15.55 -6.82 -26.33
C THR A 149 17.05 -6.77 -26.50
N ALA A 150 17.60 -5.58 -26.81
CA ALA A 150 19.05 -5.41 -26.94
C ALA A 150 19.85 -5.83 -25.68
N PHE A 151 19.26 -5.62 -24.50
CA PHE A 151 19.91 -6.00 -23.25
C PHE A 151 19.47 -7.38 -22.69
N GLY A 152 18.69 -8.13 -23.47
CA GLY A 152 18.35 -9.50 -23.12
C GLY A 152 17.38 -9.67 -21.96
N ILE A 153 16.52 -8.68 -21.73
CA ILE A 153 15.56 -8.75 -20.58
C ILE A 153 14.10 -8.56 -20.97
N ASP A 154 13.83 -8.40 -22.28
CA ASP A 154 12.45 -8.22 -22.77
C ASP A 154 11.55 -9.38 -22.38
N HIS A 155 12.08 -10.59 -22.37
CA HIS A 155 11.27 -11.76 -22.03
C HIS A 155 10.72 -11.82 -20.59
N LEU A 156 11.24 -10.98 -19.72
CA LEU A 156 10.87 -11.00 -18.32
C LEU A 156 9.60 -10.16 -18.01
N PHE A 157 9.20 -9.29 -18.93
CA PHE A 157 8.16 -8.30 -18.66
C PHE A 157 6.81 -8.63 -19.28
N SER A 158 5.77 -8.47 -18.49
CA SER A 158 4.41 -8.79 -18.89
C SER A 158 3.71 -7.58 -19.46
N GLU A 159 4.24 -6.40 -19.19
CA GLU A 159 3.71 -5.17 -19.72
C GLU A 159 4.88 -4.18 -19.87
N LEU A 161 5.11 -0.10 -20.84
CA LEU A 161 4.41 1.13 -21.20
C LEU A 161 5.44 2.21 -21.41
N GLY A 162 5.29 2.98 -22.49
CA GLY A 162 6.14 4.12 -22.77
C GLY A 162 5.32 5.38 -22.90
N GLY A 163 5.99 6.45 -23.33
CA GLY A 163 5.46 7.77 -23.29
C GLY A 163 4.27 8.05 -24.17
N GLN A 164 4.01 7.18 -25.15
CA GLN A 164 2.85 7.30 -26.02
C GLN A 164 1.79 6.24 -25.75
N SER A 165 1.99 5.44 -24.72
CA SER A 165 1.17 4.24 -24.55
C SER A 165 -0.23 4.58 -23.97
N LEU A 166 -0.30 5.63 -23.18
CA LEU A 166 -1.52 6.10 -22.53
C LEU A 166 -1.54 7.63 -22.63
N PRO A 167 -2.74 8.27 -22.48
CA PRO A 167 -2.93 9.74 -22.54
C PRO A 167 -2.25 10.54 -21.44
N GLU A 168 -2.12 9.98 -20.24
CA GLU A 168 -1.39 10.64 -19.16
C GLU A 168 -0.29 9.75 -18.70
N ILE A 169 0.89 10.36 -18.45
CA ILE A 169 2.11 9.66 -18.06
C ILE A 169 2.63 10.19 -16.71
N LYS A 170 3.63 9.50 -16.12
CA LYS A 170 4.21 9.90 -14.84
C LYS A 170 4.61 11.37 -14.96
N PRO A 171 4.40 12.17 -13.89
CA PRO A 171 3.99 11.82 -12.53
C PRO A 171 2.49 11.61 -12.30
N HIS A 172 1.66 11.71 -13.33
CA HIS A 172 0.24 11.31 -13.20
C HIS A 172 0.19 9.79 -12.85
N PRO A 173 -0.70 9.41 -11.89
CA PRO A 173 -0.76 8.01 -11.50
C PRO A 173 -1.46 7.08 -12.47
N ALA A 174 -2.02 7.61 -13.54
CA ALA A 174 -2.81 6.82 -14.53
C ALA A 174 -2.13 5.50 -14.98
N PRO A 175 -0.84 5.53 -15.35
CA PRO A 175 -0.17 4.29 -15.74
C PRO A 175 -0.26 3.20 -14.68
N PHE A 176 -0.17 3.60 -13.41
CA PHE A 176 -0.33 2.63 -12.28
C PHE A 176 -1.76 2.11 -12.21
N TYR A 177 -2.76 2.96 -12.50
CA TYR A 177 -4.12 2.50 -12.48
C TYR A 177 -4.38 1.55 -13.63
N TYR A 178 -3.69 1.77 -14.74
CA TYR A 178 -3.86 0.93 -15.91
C TYR A 178 -3.39 -0.49 -15.55
N LEU A 179 -2.24 -0.59 -14.87
CA LEU A 179 -1.74 -1.90 -14.40
C LEU A 179 -2.67 -2.60 -13.43
N CYS A 180 -3.28 -1.83 -12.52
CA CYS A 180 -4.25 -2.36 -11.60
C CYS A 180 -5.43 -2.96 -12.33
N GLY A 181 -5.92 -2.26 -13.34
CA GLY A 181 -7.02 -2.73 -14.11
C GLY A 181 -6.71 -3.97 -14.93
N LYS A 182 -5.61 -3.90 -15.64
CA LYS A 182 -5.18 -4.97 -16.52
C LYS A 182 -4.87 -6.25 -15.75
N PHE A 183 -4.20 -6.15 -14.60
CA PHE A 183 -3.82 -7.32 -13.81
C PHE A 183 -4.72 -7.66 -12.62
N GLY A 184 -5.76 -6.86 -12.41
CA GLY A 184 -6.76 -7.15 -11.39
C GLY A 184 -6.22 -6.90 -9.99
N LEU A 185 -5.64 -5.73 -9.78
CA LEU A 185 -4.91 -5.45 -8.51
C LEU A 185 -5.40 -4.18 -7.86
N TYR A 186 -5.22 -4.10 -6.54
CA TYR A 186 -5.24 -2.80 -5.85
C TYR A 186 -3.85 -2.18 -5.97
N PRO A 187 -3.79 -0.82 -6.03
CA PRO A 187 -2.54 -0.11 -6.05
C PRO A 187 -1.55 -0.64 -5.00
N LYS A 188 -2.04 -1.00 -3.80
CA LYS A 188 -1.15 -1.47 -2.73
C LYS A 188 -0.41 -2.79 -3.05
N GLN A 189 -0.90 -3.51 -4.07
CA GLN A 189 -0.27 -4.75 -4.51
C GLN A 189 0.81 -4.53 -5.56
N ILE A 190 1.12 -3.27 -5.87
CA ILE A 190 2.18 -2.95 -6.84
C ILE A 190 3.33 -2.31 -6.07
N LEU A 191 4.53 -2.86 -6.25
CA LEU A 191 5.77 -2.20 -5.84
C LEU A 191 6.38 -1.54 -7.05
N PHE A 192 6.75 -0.27 -6.91
CA PHE A 192 7.38 0.45 -7.99
C PHE A 192 8.83 0.76 -7.65
N VAL A 193 9.67 0.74 -8.70
CA VAL A 193 11.12 1.00 -8.60
C VAL A 193 11.51 2.08 -9.60
N GLY A 194 11.98 3.21 -9.10
CA GLY A 194 12.38 4.31 -9.94
C GLY A 194 13.59 5.06 -9.42
N ASP A 195 13.97 6.06 -10.18
CA ASP A 195 15.17 6.85 -9.93
C ASP A 195 14.91 8.35 -9.97
N SER A 196 13.65 8.77 -10.20
CA SER A 196 13.36 10.20 -10.22
C SER A 196 12.05 10.53 -9.49
N GLN A 197 11.88 11.79 -9.14
CA GLN A 197 10.67 12.22 -8.48
C GLN A 197 9.41 11.97 -9.30
N ASN A 198 9.54 11.86 -10.62
CA ASN A 198 8.39 11.51 -11.45
C ASN A 198 7.82 10.17 -11.01
N ASP A 199 8.73 9.23 -10.75
CA ASP A 199 8.37 7.86 -10.33
C ASP A 199 7.75 7.90 -8.94
N ILE A 200 8.40 8.62 -8.04
CA ILE A 200 8.05 8.61 -6.62
C ILE A 200 6.69 9.33 -6.43
N PHE A 201 6.50 10.48 -7.06
CA PHE A 201 5.24 11.19 -6.94
C PHE A 201 4.08 10.40 -7.52
N ALA A 202 4.28 9.77 -8.68
CA ALA A 202 3.22 8.92 -9.28
C ALA A 202 2.81 7.81 -8.31
N ALA A 203 3.80 7.13 -7.71
CA ALA A 203 3.56 6.04 -6.78
C ALA A 203 2.81 6.49 -5.55
N HIS A 204 3.25 7.60 -4.96
CA HIS A 204 2.57 8.16 -3.78
C HIS A 204 1.15 8.51 -4.11
N SER A 205 0.93 9.13 -5.25
CA SER A 205 -0.43 9.50 -5.63
C SER A 205 -1.35 8.27 -5.89
N ALA A 206 -0.84 7.22 -6.50
CA ALA A 206 -1.65 6.01 -6.78
C ALA A 206 -1.84 5.13 -5.55
N GLY A 207 -0.89 5.18 -4.61
CA GLY A 207 -0.92 4.38 -3.38
C GLY A 207 -0.05 3.12 -3.42
N CYS A 208 1.02 3.16 -4.22
CA CYS A 208 1.94 2.04 -4.45
C CYS A 208 3.17 2.32 -3.60
N ALA A 209 3.73 1.29 -2.96
CA ALA A 209 5.05 1.43 -2.29
C ALA A 209 6.09 1.67 -3.36
N VAL A 210 7.14 2.43 -3.03
CA VAL A 210 8.11 2.81 -4.05
C VAL A 210 9.53 2.83 -3.54
N VAL A 211 10.40 2.20 -4.31
CA VAL A 211 11.84 2.25 -4.12
C VAL A 211 12.42 3.40 -4.99
N GLY A 212 13.18 4.28 -4.33
CA GLY A 212 14.01 5.25 -5.00
C GLY A 212 15.46 4.81 -5.07
N LEU A 213 15.97 4.70 -6.28
CA LEU A 213 17.39 4.43 -6.55
C LEU A 213 18.18 5.72 -6.63
N THR A 214 19.39 5.70 -6.10
CA THR A 214 20.20 6.91 -5.97
C THR A 214 21.15 7.09 -7.18
N TYR A 215 21.09 6.23 -8.20
CA TYR A 215 22.06 6.30 -9.26
C TYR A 215 21.60 6.83 -10.57
N GLY A 216 20.37 7.32 -10.62
CA GLY A 216 19.69 7.66 -11.85
C GLY A 216 19.57 9.15 -12.11
N TYR A 217 18.46 9.59 -12.70
CA TYR A 217 18.40 10.93 -13.27
C TYR A 217 17.26 11.67 -12.60
N ASN A 218 17.61 12.62 -11.73
CA ASN A 218 16.60 13.35 -10.95
C ASN A 218 16.90 14.83 -10.82
N TYR A 219 17.32 15.45 -11.93
CA TYR A 219 17.44 16.91 -11.98
C TYR A 219 18.44 17.47 -10.98
N ASN A 220 19.46 16.68 -10.63
CA ASN A 220 20.40 17.02 -9.59
C ASN A 220 19.79 17.16 -8.17
N ILE A 221 18.58 16.61 -7.96
CA ILE A 221 17.93 16.62 -6.65
C ILE A 221 18.14 15.23 -6.00
N PRO A 222 18.42 15.19 -4.68
CA PRO A 222 18.54 13.90 -4.02
C PRO A 222 17.19 13.16 -4.06
N ILE A 223 17.22 11.86 -4.30
CA ILE A 223 15.99 11.08 -4.39
C ILE A 223 15.27 11.08 -3.01
N ALA A 224 16.03 11.25 -1.93
CA ALA A 224 15.42 11.29 -0.60
C ALA A 224 14.45 12.48 -0.50
N GLN A 225 14.63 13.52 -1.29
CA GLN A 225 13.78 14.68 -1.12
C GLN A 225 12.30 14.39 -1.41
N SER A 226 12.02 13.44 -2.30
CA SER A 226 10.63 13.06 -2.60
C SER A 226 10.07 11.94 -1.68
N LYS A 227 10.88 11.50 -0.72
CA LYS A 227 10.46 10.59 0.34
C LYS A 227 9.90 9.26 -0.22
N PRO A 228 10.72 8.52 -0.96
CA PRO A 228 10.35 7.17 -1.35
C PRO A 228 10.27 6.30 -0.10
N ASP A 229 9.58 5.18 -0.21
CA ASP A 229 9.50 4.26 0.90
C ASP A 229 10.83 3.61 1.22
N TRP A 230 11.66 3.36 0.22
CA TRP A 230 13.04 2.88 0.46
C TRP A 230 13.97 3.65 -0.42
N ILE A 231 15.23 3.82 0.02
CA ILE A 231 16.25 4.46 -0.80
C ILE A 231 17.41 3.45 -0.90
N PHE A 232 17.73 3.05 -2.13
CA PHE A 232 18.75 2.04 -2.39
C PHE A 232 19.82 2.54 -3.37
N ASP A 233 21.05 2.19 -3.07
CA ASP A 233 22.19 2.40 -3.96
C ASP A 233 22.44 1.25 -4.96
N ASP A 234 21.89 0.06 -4.70
CA ASP A 234 22.12 -1.15 -5.53
C ASP A 234 20.76 -1.74 -5.86
N PHE A 235 20.52 -1.95 -7.14
CA PHE A 235 19.29 -2.58 -7.62
C PHE A 235 19.02 -3.94 -6.95
N ALA A 236 20.08 -4.68 -6.65
CA ALA A 236 19.93 -5.98 -5.96
C ALA A 236 19.28 -5.89 -4.55
N ASP A 237 19.37 -4.74 -3.91
CA ASP A 237 18.71 -4.52 -2.61
C ASP A 237 17.19 -4.73 -2.66
N ILE A 238 16.59 -4.63 -3.85
CA ILE A 238 15.15 -4.91 -4.03
C ILE A 238 14.82 -6.32 -3.54
N LEU A 239 15.77 -7.24 -3.62
CA LEU A 239 15.53 -8.59 -3.16
C LEU A 239 15.37 -8.69 -1.64
N LYS A 240 15.98 -7.76 -0.91
CA LYS A 240 15.83 -7.71 0.54
C LYS A 240 14.39 -7.36 0.98
N ILE A 241 13.62 -6.74 0.11
CA ILE A 241 12.27 -6.33 0.45
C ILE A 241 11.22 -7.15 -0.26
N THR A 242 11.62 -8.19 -0.99
CA THR A 242 10.64 -9.03 -1.74
C THR A 242 10.73 -10.49 -1.35
N GLN A 243 11.56 -10.75 -0.35
CA GLN A 243 11.63 -12.02 0.31
C GLN A 243 13.12 -12.29 0.50
N GLY B 19 13.81 -4.14 9.25
CA GLY B 19 13.48 -2.68 9.03
C GLY B 19 13.31 -2.37 7.54
N THR B 21 10.54 -2.74 5.74
CA THR B 21 9.15 -2.51 5.27
C THR B 21 8.86 -1.01 5.07
N GLN B 22 7.80 -0.79 4.34
CA GLN B 22 7.27 0.55 4.12
CA GLN B 22 7.21 0.53 4.10
C GLN B 22 6.39 1.06 5.29
N PHE B 23 6.11 0.20 6.27
CA PHE B 23 5.09 0.50 7.27
C PHE B 23 5.67 1.34 8.41
N LYS B 24 4.91 2.37 8.82
CA LYS B 24 5.30 3.20 9.98
C LYS B 24 4.35 2.93 11.17
N LEU B 25 3.18 2.39 10.88
CA LEU B 25 2.14 2.17 11.92
C LEU B 25 1.44 0.84 11.68
N ILE B 26 1.16 0.10 12.74
CA ILE B 26 0.48 -1.18 12.63
C ILE B 26 -0.73 -1.07 13.52
N GLY B 27 -1.91 -1.20 12.91
CA GLY B 27 -3.21 -1.11 13.60
C GLY B 27 -3.78 -2.49 13.81
N PHE B 28 -4.59 -2.65 14.87
CA PHE B 28 -5.12 -3.93 15.31
C PHE B 28 -6.60 -3.78 15.66
N ASP B 29 -7.44 -4.74 15.28
CA ASP B 29 -8.76 -4.85 15.92
C ASP B 29 -8.55 -5.41 17.35
N LEU B 30 -9.58 -5.36 18.18
CA LEU B 30 -9.43 -5.77 19.59
C LEU B 30 -10.08 -7.13 19.80
N ASP B 31 -11.42 -7.19 19.80
CA ASP B 31 -12.18 -8.46 19.96
C ASP B 31 -11.86 -9.39 18.81
N GLY B 32 -11.28 -10.54 19.12
CA GLY B 32 -11.01 -11.58 18.15
C GLY B 32 -9.68 -11.50 17.42
N THR B 33 -8.88 -10.49 17.78
CA THR B 33 -7.52 -10.27 17.24
C THR B 33 -6.51 -10.24 18.40
N LEU B 34 -6.71 -9.34 19.34
CA LEU B 34 -5.84 -9.25 20.54
C LEU B 34 -6.39 -10.08 21.70
N VAL B 35 -7.70 -9.97 21.92
CA VAL B 35 -8.41 -10.55 23.07
C VAL B 35 -9.55 -11.46 22.59
N ASN B 36 -9.57 -12.64 23.14
CA ASN B 36 -10.68 -13.56 22.98
C ASN B 36 -11.75 -13.21 24.02
N SER B 37 -12.62 -12.27 23.65
CA SER B 37 -13.64 -11.68 24.50
C SER B 37 -15.03 -12.37 24.38
N LEU B 38 -15.17 -13.25 23.40
CA LEU B 38 -16.42 -13.92 23.11
C LEU B 38 -17.03 -14.55 24.36
N PRO B 39 -16.22 -15.26 25.15
CA PRO B 39 -16.86 -15.91 26.31
C PRO B 39 -17.54 -14.96 27.28
N ASP B 40 -16.94 -13.80 27.56
CA ASP B 40 -17.55 -12.81 28.43
C ASP B 40 -18.67 -12.02 27.76
N LEU B 41 -18.55 -11.72 26.48
CA LEU B 41 -19.64 -11.13 25.72
C LEU B 41 -20.83 -12.05 25.71
N ALA B 42 -20.62 -13.35 25.54
CA ALA B 42 -21.74 -14.28 25.51
C ALA B 42 -22.41 -14.38 26.87
N LEU B 43 -21.62 -14.51 27.93
CA LEU B 43 -22.18 -14.59 29.29
C LEU B 43 -23.01 -13.34 29.62
N SER B 44 -22.47 -12.18 29.24
CA SER B 44 -23.09 -10.89 29.53
C SER B 44 -24.42 -10.67 28.81
N ILE B 45 -24.43 -11.00 27.53
CA ILE B 45 -25.64 -10.89 26.73
C ILE B 45 -26.68 -11.89 27.20
N ASN B 46 -26.26 -13.07 27.60
CA ASN B 46 -27.19 -14.10 28.01
C ASN B 46 -27.79 -13.78 29.37
N SER B 47 -27.02 -13.12 30.22
CA SER B 47 -27.54 -12.67 31.50
C SER B 47 -28.61 -11.61 31.32
N ALA B 48 -28.40 -10.71 30.37
CA ALA B 48 -29.37 -9.66 30.05
C ALA B 48 -30.63 -10.26 29.39
N LEU B 49 -30.45 -11.20 28.49
CA LEU B 49 -31.59 -11.87 27.85
C LEU B 49 -32.50 -12.54 28.90
N LYS B 50 -31.91 -13.29 29.82
CA LYS B 50 -32.67 -13.90 30.92
C LYS B 50 -33.42 -12.84 31.77
N ASP B 51 -32.81 -11.69 32.02
CA ASP B 51 -33.45 -10.61 32.77
C ASP B 51 -34.69 -10.08 32.07
N VAL B 52 -34.77 -10.21 30.75
CA VAL B 52 -36.00 -9.80 30.02
C VAL B 52 -36.81 -11.00 29.60
N ASN B 53 -36.61 -12.11 30.30
CA ASN B 53 -37.35 -13.36 30.06
C ASN B 53 -37.28 -13.89 28.64
N LEU B 54 -36.10 -13.77 28.04
CA LEU B 54 -35.90 -14.33 26.72
C LEU B 54 -34.90 -15.45 26.80
N PRO B 55 -34.93 -16.35 25.80
CA PRO B 55 -34.00 -17.47 25.78
C PRO B 55 -32.56 -17.00 25.56
N GLN B 56 -31.59 -17.80 26.01
CA GLN B 56 -30.18 -17.54 25.86
C GLN B 56 -29.60 -18.25 24.63
N ALA B 57 -28.49 -17.74 24.12
CA ALA B 57 -27.92 -18.12 22.85
C ALA B 57 -26.65 -18.92 23.09
N SER B 58 -26.34 -19.81 22.18
CA SER B 58 -25.05 -20.47 22.20
C SER B 58 -23.92 -19.51 21.88
N GLU B 59 -22.70 -19.85 22.30
CA GLU B 59 -21.55 -18.99 22.09
C GLU B 59 -21.28 -18.78 20.61
N ASN B 60 -21.44 -19.83 19.79
CA ASN B 60 -21.26 -19.66 18.33
C ASN B 60 -22.26 -18.70 17.75
N LEU B 61 -23.53 -18.76 18.19
CA LEU B 61 -24.52 -17.77 17.75
CA LEU B 61 -24.51 -17.79 17.74
C LEU B 61 -24.12 -16.37 18.15
N VAL B 62 -23.77 -16.16 19.44
CA VAL B 62 -23.36 -14.85 19.87
C VAL B 62 -22.21 -14.38 18.96
N THR B 64 -21.50 -14.78 15.88
CA THR B 64 -21.97 -14.25 14.59
C THR B 64 -22.62 -12.88 14.64
N TRP B 65 -22.92 -12.38 15.84
CA TRP B 65 -23.48 -11.05 16.04
C TRP B 65 -22.43 -9.96 16.29
N ILE B 66 -21.19 -10.35 16.53
CA ILE B 66 -20.13 -9.43 16.91
C ILE B 66 -19.49 -8.82 15.64
N GLY B 67 -19.11 -7.55 15.68
CA GLY B 67 -18.32 -6.96 14.61
C GLY B 67 -18.73 -5.57 14.18
N ASN B 68 -19.98 -5.21 14.49
CA ASN B 68 -20.60 -3.99 14.01
C ASN B 68 -21.04 -3.08 15.15
N GLY B 69 -20.49 -3.29 16.35
CA GLY B 69 -20.75 -2.44 17.49
C GLY B 69 -21.83 -3.01 18.43
N ALA B 70 -21.92 -2.43 19.62
CA ALA B 70 -22.79 -2.94 20.68
C ALA B 70 -24.28 -2.74 20.41
N ASP B 71 -24.68 -1.63 19.74
CA ASP B 71 -26.11 -1.41 19.43
C ASP B 71 -26.57 -2.49 18.46
N VAL B 72 -25.74 -2.82 17.45
CA VAL B 72 -26.14 -3.80 16.43
C VAL B 72 -26.12 -5.23 17.07
N LEU B 73 -25.12 -5.52 17.87
CA LEU B 73 -25.05 -6.75 18.65
C LEU B 73 -26.30 -6.96 19.51
N SER B 74 -26.68 -5.91 20.22
CA SER B 74 -27.88 -5.90 21.04
C SER B 74 -29.15 -6.17 20.22
N GLN B 75 -29.30 -5.50 19.08
CA GLN B 75 -30.44 -5.67 18.17
CA GLN B 75 -30.49 -5.68 18.25
C GLN B 75 -30.54 -7.10 17.68
N ARG B 76 -29.42 -7.61 17.26
CA ARG B 76 -29.35 -8.93 16.71
C ARG B 76 -29.76 -9.97 17.75
N ALA B 77 -29.29 -9.79 18.97
CA ALA B 77 -29.55 -10.74 20.09
C ALA B 77 -31.03 -10.80 20.40
N VAL B 78 -31.65 -9.63 20.55
CA VAL B 78 -33.08 -9.53 20.92
CA VAL B 78 -33.07 -9.59 20.93
C VAL B 78 -33.96 -10.02 19.76
N ASP B 79 -33.56 -9.68 18.55
CA ASP B 79 -34.33 -10.13 17.38
C ASP B 79 -34.35 -11.66 17.27
N TRP B 80 -33.20 -12.28 17.47
CA TRP B 80 -33.07 -13.72 17.46
C TRP B 80 -33.93 -14.36 18.54
N ALA B 81 -33.78 -13.84 19.78
CA ALA B 81 -34.41 -14.37 20.99
C ALA B 81 -35.94 -14.25 20.95
N CYS B 82 -36.43 -13.10 20.51
CA CYS B 82 -37.86 -12.86 20.30
C CYS B 82 -38.49 -13.77 19.23
N LYS B 83 -37.81 -13.92 18.10
CA LYS B 83 -38.21 -14.86 17.06
C LYS B 83 -38.23 -16.31 17.56
N GLN B 84 -37.20 -16.69 18.30
CA GLN B 84 -37.14 -18.02 18.85
C GLN B 84 -38.29 -18.27 19.84
N ALA B 85 -38.50 -17.36 20.80
CA ALA B 85 -39.52 -17.52 21.81
C ALA B 85 -40.94 -17.08 21.37
N GLU B 86 -41.09 -16.61 20.14
CA GLU B 86 -42.35 -16.02 19.68
C GLU B 86 -42.85 -14.98 20.68
N LYS B 87 -41.97 -14.05 21.04
CA LYS B 87 -42.25 -12.96 21.99
C LYS B 87 -41.82 -11.66 21.35
N GLU B 88 -42.22 -10.53 21.93
CA GLU B 88 -41.68 -9.20 21.56
C GLU B 88 -41.33 -8.40 22.81
N LEU B 89 -40.42 -7.45 22.66
CA LEU B 89 -40.08 -6.53 23.74
C LEU B 89 -40.64 -5.14 23.38
N THR B 90 -41.01 -4.39 24.41
CA THR B 90 -41.36 -3.01 24.28
C THR B 90 -40.06 -2.25 24.15
N GLU B 91 -40.15 -0.97 23.78
CA GLU B 91 -38.97 -0.15 23.67
C GLU B 91 -38.30 0.00 25.02
N ASP B 92 -39.09 0.17 26.07
CA ASP B 92 -38.52 0.27 27.41
C ASP B 92 -37.84 -1.03 27.83
N GLU B 93 -38.44 -2.17 27.52
CA GLU B 93 -37.79 -3.43 27.85
C GLU B 93 -36.47 -3.58 27.09
N PHE B 94 -36.40 -3.06 25.87
CA PHE B 94 -35.17 -3.18 25.08
C PHE B 94 -34.09 -2.26 25.67
N LYS B 95 -34.47 -1.05 26.12
CA LYS B 95 -33.52 -0.17 26.78
C LYS B 95 -32.98 -0.81 28.05
N TYR B 96 -33.86 -1.43 28.82
CA TYR B 96 -33.47 -2.15 30.00
C TYR B 96 -32.47 -3.28 29.71
N PHE B 97 -32.77 -4.11 28.70
CA PHE B 97 -31.86 -5.14 28.24
C PHE B 97 -30.50 -4.58 27.98
N LYS B 98 -30.45 -3.47 27.23
CA LYS B 98 -29.18 -2.90 26.87
C LYS B 98 -28.41 -2.33 28.07
N ARG B 99 -29.12 -1.79 29.06
CA ARG B 99 -28.47 -1.31 30.28
C ARG B 99 -27.89 -2.45 31.11
N GLN B 100 -28.67 -3.52 31.24
CA GLN B 100 -28.17 -4.73 31.90
C GLN B 100 -26.94 -5.37 31.21
N PHE B 101 -27.01 -5.54 29.89
CA PHE B 101 -25.90 -6.04 29.09
C PHE B 101 -24.61 -5.23 29.34
N GLY B 102 -24.77 -3.90 29.29
CA GLY B 102 -23.69 -2.93 29.56
C GLY B 102 -23.08 -3.10 30.93
N PHE B 103 -23.91 -3.19 31.96
CA PHE B 103 -23.43 -3.49 33.29
C PHE B 103 -22.64 -4.82 33.39
N TYR B 104 -23.26 -5.92 32.95
CA TYR B 104 -22.63 -7.23 33.08
C TYR B 104 -21.28 -7.30 32.35
N TYR B 105 -21.24 -6.73 31.17
CA TYR B 105 -20.00 -6.78 30.39
C TYR B 105 -18.90 -5.92 31.03
N GLY B 106 -19.27 -4.74 31.51
CA GLY B 106 -18.31 -3.89 32.27
C GLY B 106 -17.70 -4.61 33.44
N GLU B 107 -18.49 -5.48 34.07
CA GLU B 107 -18.05 -6.31 35.20
C GLU B 107 -17.20 -7.49 34.80
N ASN B 108 -17.52 -8.06 33.65
CA ASN B 108 -16.86 -9.24 33.13
C ASN B 108 -15.82 -8.98 32.00
N LEU B 109 -15.40 -7.75 31.76
CA LEU B 109 -14.38 -7.43 30.71
C LEU B 109 -13.21 -8.46 30.69
N CYS B 110 -12.80 -9.00 31.83
CA CYS B 110 -11.66 -9.92 31.78
C CYS B 110 -11.77 -11.11 32.69
N ASN B 111 -12.99 -11.60 32.88
CA ASN B 111 -13.22 -12.84 33.61
C ASN B 111 -12.64 -14.05 32.93
N ILE B 112 -13.23 -14.44 31.81
CA ILE B 112 -12.84 -15.62 31.09
C ILE B 112 -11.97 -15.22 29.91
N SER B 113 -12.15 -13.97 29.46
CA SER B 113 -11.40 -13.44 28.31
C SER B 113 -9.91 -13.44 28.59
N ARG B 114 -9.11 -13.74 27.54
CA ARG B 114 -7.66 -13.74 27.57
C ARG B 114 -7.10 -13.23 26.25
N LEU B 115 -5.91 -12.66 26.33
CA LEU B 115 -5.17 -12.35 25.11
C LEU B 115 -4.97 -13.66 24.33
N TYR B 116 -5.03 -13.57 23.01
CA TYR B 116 -4.66 -14.70 22.18
C TYR B 116 -3.17 -15.01 22.38
N PRO B 117 -2.74 -16.20 21.99
CA PRO B 117 -1.35 -16.57 22.28
C PRO B 117 -0.32 -15.67 21.60
N ASN B 118 0.72 -15.33 22.33
CA ASN B 118 1.87 -14.52 21.87
C ASN B 118 1.56 -13.08 21.55
N VAL B 119 0.37 -12.62 21.90
CA VAL B 119 -0.01 -11.23 21.59
C VAL B 119 0.92 -10.25 22.27
N LYS B 120 1.07 -10.34 23.59
CA LYS B 120 1.85 -9.30 24.31
C LYS B 120 3.30 -9.28 23.88
N GLU B 121 3.91 -10.45 23.76
CA GLU B 121 5.32 -10.52 23.37
C GLU B 121 5.56 -9.99 21.95
N THR B 122 4.67 -10.35 21.03
CA THR B 122 4.71 -9.82 19.69
C THR B 122 4.54 -8.29 19.61
N LEU B 123 3.54 -7.74 20.29
CA LEU B 123 3.34 -6.29 20.41
C LEU B 123 4.60 -5.60 20.97
N GLU B 124 5.20 -6.15 22.02
CA GLU B 124 6.44 -5.57 22.57
C GLU B 124 7.58 -5.59 21.54
N ALA B 125 7.67 -6.69 20.78
CA ALA B 125 8.66 -6.85 19.73
C ALA B 125 8.49 -5.81 18.61
N LEU B 126 7.24 -5.51 18.24
CA LEU B 126 6.96 -4.48 17.22
C LEU B 126 7.24 -3.06 17.73
N LYS B 127 6.85 -2.77 18.96
CA LYS B 127 7.18 -1.49 19.62
C LYS B 127 8.70 -1.30 19.68
N ALA B 128 9.42 -2.34 20.10
CA ALA B 128 10.88 -2.27 20.15
C ALA B 128 11.49 -2.00 18.77
N GLN B 129 10.84 -2.45 17.69
CA GLN B 129 11.34 -2.15 16.33
C GLN B 129 11.08 -0.71 15.88
N GLY B 130 10.25 0.03 16.62
CA GLY B 130 9.95 1.42 16.28
C GLY B 130 8.64 1.70 15.56
N TYR B 131 7.76 0.70 15.43
CA TYR B 131 6.44 0.91 14.84
C TYR B 131 5.53 1.63 15.82
N ILE B 132 4.75 2.56 15.29
CA ILE B 132 3.64 3.14 15.99
C ILE B 132 2.57 2.05 16.01
N LEU B 133 1.95 1.84 17.16
CA LEU B 133 0.86 0.86 17.31
C LEU B 133 -0.44 1.55 17.68
N ALA B 134 -1.53 1.08 17.08
CA ALA B 134 -2.86 1.63 17.29
C ALA B 134 -3.91 0.51 17.35
N VAL B 135 -4.96 0.76 18.13
CA VAL B 135 -6.15 -0.08 18.13
C VAL B 135 -7.27 0.67 17.42
N VAL B 136 -7.92 -0.03 16.50
CA VAL B 136 -9.12 0.48 15.82
C VAL B 136 -10.17 -0.60 15.91
N THR B 137 -11.23 -0.35 16.68
CA THR B 137 -12.25 -1.36 17.00
C THR B 137 -13.65 -0.78 16.95
N ASN B 138 -14.63 -1.63 16.68
CA ASN B 138 -16.06 -1.23 16.84
C ASN B 138 -16.60 -1.44 18.24
N LYS B 139 -15.84 -2.12 19.07
CA LYS B 139 -16.16 -2.26 20.49
C LYS B 139 -16.37 -0.86 21.09
N PRO B 140 -17.34 -0.73 22.01
CA PRO B 140 -17.53 0.62 22.57
C PRO B 140 -16.28 1.27 23.10
N THR B 141 -16.11 2.55 22.78
CA THR B 141 -14.90 3.27 23.17
C THR B 141 -14.62 3.18 24.67
N LYS B 142 -15.66 3.25 25.47
CA LYS B 142 -15.55 3.23 26.92
C LYS B 142 -14.85 1.97 27.48
N HIS B 143 -14.90 0.87 26.77
CA HIS B 143 -14.26 -0.40 27.19
C HIS B 143 -12.86 -0.62 26.66
N VAL B 144 -12.37 0.26 25.76
CA VAL B 144 -11.10 -0.02 25.09
C VAL B 144 -9.89 0.16 26.00
N GLN B 145 -9.70 1.34 26.55
CA GLN B 145 -8.55 1.52 27.44
C GLN B 145 -8.62 0.62 28.69
N PRO B 146 -9.83 0.46 29.29
CA PRO B 146 -10.01 -0.54 30.38
C PRO B 146 -9.59 -1.98 30.06
N ILE B 147 -10.06 -2.52 28.94
CA ILE B 147 -9.70 -3.90 28.59
C ILE B 147 -8.18 -4.01 28.26
N LEU B 148 -7.60 -3.03 27.57
CA LEU B 148 -6.17 -3.08 27.28
C LEU B 148 -5.31 -2.96 28.56
N THR B 149 -5.76 -2.12 29.48
CA THR B 149 -5.10 -1.95 30.76
C THR B 149 -5.19 -3.21 31.61
N ALA B 150 -6.35 -3.82 31.65
CA ALA B 150 -6.54 -5.13 32.33
C ALA B 150 -5.59 -6.21 31.82
N PHE B 151 -5.24 -6.19 30.53
CA PHE B 151 -4.29 -7.19 29.99
C PHE B 151 -2.84 -6.70 29.88
N GLY B 152 -2.56 -5.54 30.46
CA GLY B 152 -1.23 -4.98 30.53
C GLY B 152 -0.56 -4.59 29.21
N ILE B 153 -1.33 -4.15 28.23
CA ILE B 153 -0.80 -3.75 26.91
C ILE B 153 -1.15 -2.30 26.48
N ASP B 154 -1.88 -1.57 27.33
CA ASP B 154 -2.34 -0.21 27.00
C ASP B 154 -1.20 0.73 26.70
N HIS B 155 -0.10 0.54 27.41
CA HIS B 155 1.09 1.40 27.26
C HIS B 155 1.81 1.30 25.90
N LEU B 156 1.47 0.30 25.09
CA LEU B 156 2.13 0.07 23.79
C LEU B 156 1.49 0.89 22.65
N PHE B 157 0.25 1.32 22.88
CA PHE B 157 -0.54 1.95 21.82
C PHE B 157 -0.54 3.47 21.85
N SER B 158 -0.39 4.07 20.67
CA SER B 158 -0.37 5.51 20.52
C SER B 158 -1.75 6.09 20.21
N GLU B 159 -2.68 5.24 19.79
CA GLU B 159 -4.05 5.62 19.53
C GLU B 159 -4.94 4.41 19.77
N LEU B 161 -8.96 3.70 19.07
CA LEU B 161 -10.25 4.16 18.56
C LEU B 161 -11.27 3.07 18.78
N GLY B 162 -12.43 3.46 19.31
CA GLY B 162 -13.55 2.56 19.49
C GLY B 162 -14.77 2.97 18.70
N GLY B 163 -15.88 2.32 18.99
CA GLY B 163 -17.08 2.50 18.17
C GLY B 163 -17.78 3.82 18.25
N GLN B 164 -17.49 4.63 19.27
CA GLN B 164 -18.03 5.98 19.38
C GLN B 164 -17.00 7.06 19.12
N SER B 165 -15.76 6.71 18.75
CA SER B 165 -14.68 7.68 18.61
C SER B 165 -14.74 8.61 17.40
N LEU B 166 -15.35 8.13 16.32
CA LEU B 166 -15.49 8.88 15.08
C LEU B 166 -16.91 8.61 14.54
N PRO B 167 -17.44 9.45 13.63
CA PRO B 167 -18.78 9.26 13.04
C PRO B 167 -19.00 8.00 12.20
N GLU B 168 -17.99 7.54 11.45
CA GLU B 168 -18.08 6.31 10.69
C GLU B 168 -17.05 5.36 11.19
N ILE B 169 -17.42 4.09 11.27
CA ILE B 169 -16.57 2.98 11.75
C ILE B 169 -16.42 1.90 10.69
N LYS B 170 -15.51 0.97 10.93
CA LYS B 170 -15.29 -0.14 10.02
C LYS B 170 -16.66 -0.78 9.71
N PRO B 171 -16.89 -1.18 8.45
CA PRO B 171 -15.93 -1.27 7.33
C PRO B 171 -15.70 0.00 6.52
N HIS B 172 -16.28 1.12 6.89
CA HIS B 172 -15.89 2.40 6.28
C HIS B 172 -14.41 2.65 6.58
N PRO B 173 -13.63 3.19 5.60
CA PRO B 173 -12.21 3.45 5.81
C PRO B 173 -11.84 4.64 6.67
N ALA B 174 -12.81 5.47 7.07
CA ALA B 174 -12.54 6.73 7.78
C ALA B 174 -11.60 6.57 8.99
N PRO B 175 -11.76 5.52 9.81
CA PRO B 175 -10.80 5.42 10.91
C PRO B 175 -9.34 5.31 10.45
N PHE B 176 -9.13 4.65 9.31
CA PHE B 176 -7.79 4.57 8.72
C PHE B 176 -7.29 5.92 8.21
N TYR B 177 -8.20 6.69 7.63
CA TYR B 177 -7.84 8.02 7.18
C TYR B 177 -7.49 8.91 8.37
N TYR B 178 -8.20 8.73 9.48
CA TYR B 178 -7.93 9.50 10.70
C TYR B 178 -6.50 9.26 11.15
N LEU B 179 -6.09 8.00 11.20
CA LEU B 179 -4.72 7.67 11.56
C LEU B 179 -3.70 8.26 10.58
N CYS B 180 -4.02 8.25 9.29
CA CYS B 180 -3.15 8.92 8.29
C CYS B 180 -2.98 10.38 8.62
N GLY B 181 -4.08 11.05 8.94
CA GLY B 181 -4.02 12.47 9.26
C GLY B 181 -3.26 12.78 10.54
N LYS B 182 -3.56 12.05 11.60
CA LYS B 182 -2.98 12.28 12.92
C LYS B 182 -1.48 11.93 12.94
N PHE B 183 -1.09 10.92 12.19
CA PHE B 183 0.33 10.50 12.22
C PHE B 183 1.12 10.93 11.00
N GLY B 184 0.50 11.62 10.06
CA GLY B 184 1.24 12.12 8.93
C GLY B 184 1.65 11.04 7.98
N LEU B 185 0.72 10.17 7.61
CA LEU B 185 1.04 8.98 6.80
C LEU B 185 0.18 8.93 5.55
N TYR B 186 0.68 8.24 4.52
CA TYR B 186 -0.15 7.69 3.45
C TYR B 186 -0.74 6.40 3.95
N PRO B 187 -1.95 6.02 3.44
CA PRO B 187 -2.55 4.73 3.72
C PRO B 187 -1.62 3.53 3.54
N LYS B 188 -0.77 3.56 2.52
CA LYS B 188 0.17 2.42 2.26
C LYS B 188 1.19 2.26 3.37
N GLN B 189 1.39 3.29 4.19
CA GLN B 189 2.30 3.21 5.32
C GLN B 189 1.68 2.58 6.62
N ILE B 190 0.44 2.09 6.52
CA ILE B 190 -0.29 1.47 7.63
C ILE B 190 -0.49 -0.01 7.26
N LEU B 191 -0.07 -0.91 8.16
CA LEU B 191 -0.36 -2.34 8.10
C LEU B 191 -1.48 -2.56 9.10
N PHE B 192 -2.56 -3.20 8.67
CA PHE B 192 -3.65 -3.52 9.57
C PHE B 192 -3.75 -5.03 9.83
N VAL B 193 -4.17 -5.35 11.05
CA VAL B 193 -4.25 -6.72 11.52
C VAL B 193 -5.65 -6.93 12.12
N GLY B 194 -6.40 -7.85 11.52
CA GLY B 194 -7.74 -8.12 11.99
C GLY B 194 -8.26 -9.51 11.72
N ASP B 195 -9.48 -9.77 12.16
CA ASP B 195 -9.99 -11.12 12.15
C ASP B 195 -11.34 -11.22 11.49
N SER B 196 -11.85 -10.11 10.94
CA SER B 196 -13.12 -10.15 10.24
C SER B 196 -13.10 -9.35 8.95
N GLN B 197 -14.10 -9.59 8.14
CA GLN B 197 -14.25 -8.91 6.89
C GLN B 197 -14.46 -7.42 7.06
N ASN B 198 -14.91 -6.96 8.25
CA ASN B 198 -15.02 -5.51 8.54
C ASN B 198 -13.64 -4.84 8.45
N ASP B 199 -12.66 -5.50 9.06
CA ASP B 199 -11.26 -5.12 9.01
C ASP B 199 -10.69 -5.16 7.59
N ILE B 200 -10.95 -6.25 6.87
CA ILE B 200 -10.33 -6.48 5.57
C ILE B 200 -10.91 -5.52 4.53
N PHE B 201 -12.22 -5.36 4.56
CA PHE B 201 -12.85 -4.43 3.63
C PHE B 201 -12.40 -3.01 3.87
N ALA B 202 -12.33 -2.57 5.13
CA ALA B 202 -11.87 -1.20 5.44
C ALA B 202 -10.47 -0.93 4.93
N ALA B 203 -9.59 -1.90 5.13
CA ALA B 203 -8.18 -1.80 4.71
C ALA B 203 -8.10 -1.76 3.20
N HIS B 204 -8.85 -2.63 2.53
CA HIS B 204 -8.81 -2.60 1.06
C HIS B 204 -9.32 -1.24 0.54
N SER B 205 -10.38 -0.73 1.13
CA SER B 205 -10.93 0.54 0.66
C SER B 205 -9.98 1.71 0.93
N ALA B 206 -9.30 1.69 2.07
CA ALA B 206 -8.34 2.79 2.41
C ALA B 206 -7.02 2.70 1.64
N GLY B 207 -6.63 1.49 1.24
CA GLY B 207 -5.36 1.27 0.56
C GLY B 207 -4.22 0.80 1.47
N CYS B 208 -4.59 0.15 2.57
CA CYS B 208 -3.68 -0.36 3.62
C CYS B 208 -3.50 -1.85 3.48
N ALA B 209 -2.27 -2.36 3.62
CA ALA B 209 -2.05 -3.80 3.61
C ALA B 209 -2.72 -4.40 4.85
N VAL B 210 -3.21 -5.63 4.72
CA VAL B 210 -3.96 -6.25 5.84
C VAL B 210 -3.69 -7.74 6.00
N VAL B 211 -3.46 -8.11 7.26
CA VAL B 211 -3.43 -9.48 7.75
C VAL B 211 -4.81 -9.89 8.25
N GLY B 212 -5.28 -11.05 7.75
CA GLY B 212 -6.45 -11.69 8.22
C GLY B 212 -6.00 -12.86 9.11
N LEU B 213 -6.42 -12.82 10.36
CA LEU B 213 -6.16 -13.89 11.33
C LEU B 213 -7.34 -14.87 11.26
N THR B 214 -7.06 -16.17 11.37
CA THR B 214 -8.09 -17.18 11.21
C THR B 214 -8.79 -17.58 12.49
N TYR B 215 -8.50 -16.93 13.61
CA TYR B 215 -8.94 -17.42 14.87
C TYR B 215 -10.00 -16.61 15.55
N GLY B 216 -10.47 -15.57 14.88
CA GLY B 216 -11.41 -14.65 15.45
C GLY B 216 -12.85 -14.82 15.01
N TYR B 217 -13.55 -13.70 14.91
CA TYR B 217 -14.98 -13.69 14.75
C TYR B 217 -15.34 -13.08 13.38
N ASN B 218 -15.81 -13.94 12.48
CA ASN B 218 -16.18 -13.55 11.16
C ASN B 218 -17.43 -14.21 10.59
N TYR B 219 -18.50 -14.30 11.39
CA TYR B 219 -19.81 -14.69 10.89
C TYR B 219 -19.84 -16.11 10.34
N ASN B 220 -18.93 -16.97 10.80
CA ASN B 220 -18.74 -18.29 10.23
C ASN B 220 -18.31 -18.30 8.76
N ILE B 221 -17.80 -17.16 8.27
CA ILE B 221 -17.21 -17.04 6.93
C ILE B 221 -15.66 -17.18 7.04
N PRO B 222 -15.04 -17.98 6.15
CA PRO B 222 -13.58 -18.04 6.14
C PRO B 222 -12.94 -16.66 5.85
N ILE B 223 -11.88 -16.34 6.58
CA ILE B 223 -11.28 -15.00 6.45
C ILE B 223 -10.74 -14.87 5.01
N ALA B 224 -10.35 -16.00 4.42
CA ALA B 224 -9.82 -16.04 3.04
C ALA B 224 -10.75 -15.39 2.02
N GLN B 225 -12.04 -15.47 2.28
CA GLN B 225 -13.05 -15.06 1.32
C GLN B 225 -13.00 -13.58 1.00
N SER B 226 -12.62 -12.76 1.98
CA SER B 226 -12.47 -11.32 1.80
C SER B 226 -11.09 -10.93 1.23
N LYS B 227 -10.23 -11.92 1.00
CA LYS B 227 -8.91 -11.78 0.34
C LYS B 227 -8.00 -10.80 1.08
N PRO B 228 -7.64 -11.14 2.31
CA PRO B 228 -6.63 -10.30 2.94
C PRO B 228 -5.27 -10.50 2.22
N ASP B 229 -4.31 -9.62 2.49
CA ASP B 229 -2.99 -9.73 1.86
C ASP B 229 -2.20 -10.90 2.43
N TRP B 230 -2.36 -11.20 3.70
CA TRP B 230 -1.86 -12.42 4.33
C TRP B 230 -2.95 -13.05 5.19
N ILE B 231 -2.87 -14.38 5.37
CA ILE B 231 -3.75 -15.12 6.22
C ILE B 231 -2.85 -15.90 7.19
N PHE B 232 -3.02 -15.69 8.50
CA PHE B 232 -2.17 -16.26 9.54
C PHE B 232 -3.03 -16.89 10.62
N ASP B 233 -2.57 -18.04 11.11
CA ASP B 233 -3.18 -18.76 12.22
C ASP B 233 -2.64 -18.35 13.60
N ASP B 234 -1.50 -17.66 13.64
CA ASP B 234 -0.84 -17.32 14.90
C ASP B 234 -0.49 -15.84 14.80
N PHE B 235 -0.79 -15.09 15.86
CA PHE B 235 -0.47 -13.65 15.88
C PHE B 235 1.03 -13.37 15.69
N ALA B 236 1.86 -14.25 16.22
CA ALA B 236 3.30 -14.09 16.11
C ALA B 236 3.82 -14.13 14.67
N ASP B 237 3.03 -14.66 13.72
CA ASP B 237 3.43 -14.69 12.30
C ASP B 237 3.61 -13.29 11.71
N ILE B 238 2.95 -12.30 12.30
CA ILE B 238 3.11 -10.91 11.89
C ILE B 238 4.57 -10.46 11.94
N LEU B 239 5.38 -11.03 12.83
CA LEU B 239 6.79 -10.69 12.84
C LEU B 239 7.53 -11.18 11.58
N LYS B 240 6.95 -12.14 10.86
CA LYS B 240 7.56 -12.59 9.61
C LYS B 240 7.49 -11.54 8.52
N ILE B 241 6.54 -10.62 8.64
CA ILE B 241 6.34 -9.62 7.61
C ILE B 241 6.66 -8.19 8.07
N THR B 242 7.40 -8.07 9.19
CA THR B 242 7.79 -6.75 9.72
C THR B 242 9.28 -6.69 10.04
N GLN B 243 9.99 -7.76 9.72
CA GLN B 243 11.44 -7.81 9.70
C GLN B 243 11.88 -9.23 10.04
#